data_4AIF
#
_entry.id   4AIF
#
_cell.length_a   63.820
_cell.length_b   104.490
_cell.length_c   69.270
_cell.angle_alpha   90.00
_cell.angle_beta   97.41
_cell.angle_gamma   90.00
#
_symmetry.space_group_name_H-M   'C 1 2 1'
#
loop_
_entity.id
_entity.type
_entity.pdbx_description
1 polymer 'AH RECEPTOR-INTERACTING PROTEIN'
2 polymer 'HEAT SHOCK PROTEIN HSP 90-ALPHA'
3 non-polymer 'SULFATE ION'
4 water water
#
loop_
_entity_poly.entity_id
_entity_poly.type
_entity_poly.pdbx_seq_one_letter_code
_entity_poly.pdbx_strand_id
1 'polypeptide(L)'
;AEEKAKAVPLIHQEGNRLYREGHVKEAAAKYYDAIACLKNLQMKEQPGSPEWIQLDQQITPLLLNYCQCKLVVEEYYEVL
DHCSSILNKYDDNVKAYFKRGKAHAAVWNAQEAQADFAKVLELDPALAPVVSRELQALEARIRQ
;
A,B
2 'polypeptide(L)' SRMEEVD D,E
#
# COMPACT_ATOMS: atom_id res chain seq x y z
N ALA A 1 -8.01 5.44 20.81
CA ALA A 1 -6.62 5.35 20.36
C ALA A 1 -5.75 4.54 21.32
N GLU A 2 -6.36 3.55 21.99
CA GLU A 2 -5.63 2.60 22.82
C GLU A 2 -6.52 1.44 23.25
N GLU A 3 -7.83 1.65 23.20
CA GLU A 3 -8.78 0.61 23.55
C GLU A 3 -9.09 -0.26 22.33
N LYS A 4 -8.24 -0.17 21.30
CA LYS A 4 -8.39 -1.00 20.12
C LYS A 4 -7.18 -1.92 19.92
N ALA A 5 -6.32 -1.98 20.93
CA ALA A 5 -5.35 -3.06 21.01
C ALA A 5 -6.13 -4.35 21.15
N LYS A 6 -7.37 -4.23 21.63
CA LYS A 6 -8.24 -5.38 21.83
C LYS A 6 -8.91 -5.79 20.53
N ALA A 7 -9.13 -4.83 19.64
CA ALA A 7 -9.67 -5.12 18.32
C ALA A 7 -8.70 -5.97 17.47
N VAL A 8 -7.41 -5.68 17.56
CA VAL A 8 -6.42 -6.31 16.69
C VAL A 8 -6.56 -7.82 16.51
N PRO A 9 -6.55 -8.60 17.61
CA PRO A 9 -6.64 -10.04 17.41
C PRO A 9 -7.92 -10.50 16.69
N LEU A 10 -9.03 -9.82 16.95
CA LEU A 10 -10.29 -10.11 16.27
C LEU A 10 -10.25 -9.80 14.79
N ILE A 11 -9.68 -8.65 14.43
CA ILE A 11 -9.54 -8.26 13.03
C ILE A 11 -8.63 -9.26 12.34
N HIS A 12 -7.54 -9.60 13.03
CA HIS A 12 -6.58 -10.58 12.58
C HIS A 12 -7.31 -11.88 12.25
N GLN A 13 -8.14 -12.35 13.17
CA GLN A 13 -8.87 -13.60 12.99
C GLN A 13 -9.83 -13.52 11.80
N GLU A 14 -10.52 -12.40 11.66
CA GLU A 14 -11.48 -12.28 10.56
C GLU A 14 -10.73 -12.26 9.22
N GLY A 15 -9.60 -11.56 9.17
CA GLY A 15 -8.74 -11.62 8.02
C GLY A 15 -8.37 -13.06 7.64
N ASN A 16 -7.91 -13.83 8.61
CA ASN A 16 -7.49 -15.21 8.35
C ASN A 16 -8.64 -16.04 7.78
N ARG A 17 -9.84 -15.85 8.31
CA ARG A 17 -10.95 -16.66 7.84
C ARG A 17 -11.36 -16.26 6.42
N LEU A 18 -11.37 -14.96 6.15
CA LEU A 18 -11.62 -14.46 4.81
C LEU A 18 -10.61 -15.06 3.84
N TYR A 19 -9.35 -15.01 4.20
CA TYR A 19 -8.30 -15.56 3.36
C TYR A 19 -8.58 -17.03 3.04
N ARG A 20 -8.86 -17.81 4.06
CA ARG A 20 -9.10 -19.23 3.88
C ARG A 20 -10.32 -19.52 3.00
N GLU A 21 -11.31 -18.64 3.03
CA GLU A 21 -12.51 -18.81 2.23
C GLU A 21 -12.29 -18.38 0.78
N GLY A 22 -11.15 -17.79 0.49
CA GLY A 22 -10.90 -17.30 -0.85
C GLY A 22 -11.24 -15.83 -1.06
N HIS A 23 -11.68 -15.14 0.00
CA HIS A 23 -12.00 -13.72 -0.10
C HIS A 23 -10.73 -12.90 0.21
N VAL A 24 -9.77 -12.97 -0.71
CA VAL A 24 -8.42 -12.47 -0.49
C VAL A 24 -8.29 -10.94 -0.54
N LYS A 25 -9.04 -10.32 -1.43
CA LYS A 25 -9.04 -8.86 -1.50
C LYS A 25 -9.57 -8.28 -0.19
N GLU A 26 -10.56 -8.94 0.39
CA GLU A 26 -11.15 -8.46 1.62
C GLU A 26 -10.32 -8.82 2.86
N ALA A 27 -9.64 -9.95 2.84
CA ALA A 27 -8.72 -10.27 3.91
C ALA A 27 -7.62 -9.20 3.95
N ALA A 28 -7.15 -8.78 2.77
CA ALA A 28 -6.10 -7.76 2.70
C ALA A 28 -6.55 -6.51 3.42
N ALA A 29 -7.78 -6.09 3.18
CA ALA A 29 -8.33 -4.93 3.87
C ALA A 29 -8.27 -5.10 5.39
N LYS A 30 -8.64 -6.27 5.88
CA LYS A 30 -8.62 -6.56 7.31
C LYS A 30 -7.19 -6.47 7.86
N TYR A 31 -6.25 -7.11 7.18
CA TYR A 31 -4.88 -7.10 7.67
C TYR A 31 -4.37 -5.67 7.72
N TYR A 32 -4.67 -4.91 6.67
CA TYR A 32 -4.25 -3.52 6.58
C TYR A 32 -4.72 -2.73 7.81
N ASP A 33 -6.00 -2.90 8.15
CA ASP A 33 -6.57 -2.25 9.32
C ASP A 33 -5.90 -2.67 10.62
N ALA A 34 -5.70 -3.98 10.79
CA ALA A 34 -5.06 -4.47 12.01
C ALA A 34 -3.68 -3.82 12.15
N ILE A 35 -2.96 -3.79 11.03
CA ILE A 35 -1.64 -3.18 10.98
C ILE A 35 -1.67 -1.69 11.33
N ALA A 36 -2.61 -0.95 10.76
CA ALA A 36 -2.73 0.49 11.06
C ALA A 36 -2.96 0.71 12.55
N CYS A 37 -3.78 -0.12 13.16
CA CYS A 37 -4.03 -0.07 14.57
CA CYS A 37 -4.03 -0.04 14.58
C CYS A 37 -2.76 -0.26 15.36
N LEU A 38 -2.00 -1.29 15.06
CA LEU A 38 -0.75 -1.56 15.75
C LEU A 38 0.27 -0.44 15.56
N LYS A 39 0.38 0.09 14.35
CA LYS A 39 1.33 1.16 14.08
C LYS A 39 1.01 2.43 14.86
N ASN A 40 -0.28 2.75 14.97
CA ASN A 40 -0.66 3.92 15.75
C ASN A 40 -0.24 3.79 17.21
N LEU A 41 -0.50 2.63 17.81
CA LEU A 41 -0.02 2.36 19.16
C LEU A 41 1.50 2.46 19.22
N GLN A 42 2.17 1.93 18.19
CA GLN A 42 3.63 1.94 18.18
C GLN A 42 4.20 3.36 18.08
N MET A 43 3.44 4.25 17.44
CA MET A 43 3.82 5.65 17.30
C MET A 43 3.88 6.33 18.67
N LYS A 44 3.20 5.75 19.64
CA LYS A 44 3.14 6.33 20.98
C LYS A 44 4.29 5.82 21.86
N GLU A 45 5.10 4.91 21.34
CA GLU A 45 6.18 4.31 22.10
C GLU A 45 7.52 4.81 21.58
N GLN A 46 8.54 4.75 22.44
CA GLN A 46 9.87 5.17 22.04
C GLN A 46 10.51 4.02 21.27
N PRO A 47 10.99 4.31 20.06
CA PRO A 47 11.63 3.29 19.22
C PRO A 47 12.74 2.58 19.98
N GLY A 48 12.81 1.26 19.87
CA GLY A 48 13.84 0.50 20.55
C GLY A 48 13.46 0.11 21.97
N SER A 49 12.36 0.67 22.48
CA SER A 49 11.88 0.27 23.79
C SER A 49 11.17 -1.09 23.71
N PRO A 50 11.06 -1.78 24.86
CA PRO A 50 10.42 -3.10 24.88
C PRO A 50 9.00 -3.10 24.29
N GLU A 51 8.19 -2.10 24.65
CA GLU A 51 6.83 -2.01 24.12
C GLU A 51 6.83 -1.79 22.61
N TRP A 52 7.71 -0.92 22.11
CA TRP A 52 7.84 -0.68 20.69
C TRP A 52 8.21 -1.98 19.96
N ILE A 53 9.15 -2.72 20.52
CA ILE A 53 9.62 -3.96 19.93
C ILE A 53 8.53 -5.02 19.92
N GLN A 54 7.77 -5.11 21.01
CA GLN A 54 6.67 -6.07 21.10
C GLN A 54 5.59 -5.81 20.04
N LEU A 55 5.28 -4.53 19.82
CA LEU A 55 4.32 -4.15 18.81
C LEU A 55 4.87 -4.47 17.43
N ASP A 56 6.16 -4.21 17.24
CA ASP A 56 6.80 -4.48 15.95
C ASP A 56 6.70 -5.96 15.61
N GLN A 57 6.77 -6.80 16.64
CA GLN A 57 6.80 -8.23 16.41
C GLN A 57 5.40 -8.79 16.16
N GLN A 58 4.41 -8.06 16.65
CA GLN A 58 3.01 -8.37 16.42
C GLN A 58 2.61 -7.97 15.01
N ILE A 59 3.23 -6.91 14.49
CA ILE A 59 2.97 -6.44 13.13
C ILE A 59 3.48 -7.42 12.08
N THR A 60 4.64 -8.01 12.34
CA THR A 60 5.32 -8.84 11.33
C THR A 60 4.43 -9.90 10.67
N PRO A 61 3.80 -10.78 11.46
CA PRO A 61 2.98 -11.83 10.82
C PRO A 61 1.77 -11.25 10.09
N LEU A 62 1.25 -10.13 10.58
CA LEU A 62 0.14 -9.46 9.93
C LEU A 62 0.59 -8.84 8.62
N LEU A 63 1.79 -8.28 8.63
CA LEU A 63 2.31 -7.67 7.43
C LEU A 63 2.64 -8.75 6.39
N LEU A 64 3.12 -9.90 6.86
CA LEU A 64 3.33 -11.03 5.94
C LEU A 64 2.01 -11.56 5.34
N ASN A 65 0.99 -11.68 6.17
CA ASN A 65 -0.33 -12.05 5.67
C ASN A 65 -0.79 -11.09 4.56
N TYR A 66 -0.60 -9.80 4.80
CA TYR A 66 -1.01 -8.78 3.83
C TYR A 66 -0.24 -9.01 2.53
N CYS A 67 1.07 -9.22 2.65
CA CYS A 67 1.90 -9.49 1.48
C CYS A 67 1.44 -10.75 0.72
N GLN A 68 1.00 -11.77 1.47
CA GLN A 68 0.50 -12.98 0.84
C GLN A 68 -0.73 -12.68 -0.02
N CYS A 69 -1.66 -11.88 0.50
CA CYS A 69 -2.80 -11.43 -0.27
C CYS A 69 -2.35 -10.70 -1.54
N LYS A 70 -1.36 -9.83 -1.39
CA LYS A 70 -0.86 -9.09 -2.56
C LYS A 70 -0.22 -10.01 -3.61
N LEU A 71 0.43 -11.10 -3.18
CA LEU A 71 0.96 -12.05 -4.14
C LEU A 71 -0.17 -12.69 -4.93
N VAL A 72 -1.23 -13.08 -4.23
CA VAL A 72 -2.36 -13.71 -4.88
C VAL A 72 -3.02 -12.80 -5.94
N VAL A 73 -3.22 -11.52 -5.62
CA VAL A 73 -3.79 -10.58 -6.57
C VAL A 73 -2.75 -9.99 -7.53
N GLU A 74 -1.54 -10.54 -7.51
CA GLU A 74 -0.50 -10.20 -8.48
C GLU A 74 -0.04 -8.73 -8.45
N GLU A 75 0.09 -8.19 -7.24
CA GLU A 75 0.61 -6.85 -7.04
C GLU A 75 1.93 -6.98 -6.28
N TYR A 76 3.04 -6.75 -6.95
CA TYR A 76 4.30 -7.11 -6.35
C TYR A 76 5.07 -6.01 -5.65
N TYR A 77 4.79 -4.75 -5.99
CA TYR A 77 5.61 -3.65 -5.48
C TYR A 77 5.52 -3.44 -3.97
N GLU A 78 4.36 -3.63 -3.36
CA GLU A 78 4.31 -3.53 -1.90
C GLU A 78 4.98 -4.74 -1.27
N VAL A 79 4.78 -5.92 -1.84
CA VAL A 79 5.45 -7.11 -1.32
C VAL A 79 6.97 -6.88 -1.19
N LEU A 80 7.59 -6.39 -2.25
CA LEU A 80 9.02 -6.08 -2.21
C LEU A 80 9.40 -5.14 -1.07
N ASP A 81 8.64 -4.06 -0.92
CA ASP A 81 9.00 -3.07 0.09
C ASP A 81 8.72 -3.56 1.50
N HIS A 82 7.54 -4.14 1.71
CA HIS A 82 7.20 -4.60 3.05
C HIS A 82 8.14 -5.71 3.51
N CYS A 83 8.43 -6.65 2.62
CA CYS A 83 9.31 -7.76 3.00
C CYS A 83 10.72 -7.26 3.27
N SER A 84 11.19 -6.31 2.46
CA SER A 84 12.51 -5.72 2.66
C SER A 84 12.59 -5.02 4.01
N SER A 85 11.51 -4.35 4.40
N SER A 85 11.51 -4.35 4.40
CA SER A 85 11.46 -3.69 5.69
CA SER A 85 11.48 -3.68 5.69
C SER A 85 11.60 -4.70 6.82
C SER A 85 11.60 -4.69 6.83
N ILE A 86 10.80 -5.76 6.76
CA ILE A 86 10.87 -6.83 7.76
C ILE A 86 12.28 -7.39 7.80
N LEU A 87 12.85 -7.67 6.62
CA LEU A 87 14.15 -8.36 6.55
C LEU A 87 15.30 -7.48 7.01
N ASN A 88 15.16 -6.16 6.88
CA ASN A 88 16.14 -5.20 7.38
CA ASN A 88 16.20 -5.26 7.36
C ASN A 88 16.29 -5.23 8.89
N LYS A 89 15.25 -5.72 9.56
CA LYS A 89 15.23 -5.82 11.01
C LYS A 89 15.40 -7.25 11.49
N TYR A 90 14.76 -8.18 10.79
CA TYR A 90 14.73 -9.55 11.23
C TYR A 90 15.16 -10.42 10.06
N ASP A 91 16.48 -10.61 9.97
CA ASP A 91 17.09 -11.20 8.79
C ASP A 91 17.07 -12.73 8.82
N ASP A 92 16.27 -13.29 9.72
CA ASP A 92 16.07 -14.73 9.75
C ASP A 92 14.61 -15.08 9.48
N ASN A 93 13.87 -14.14 8.90
CA ASN A 93 12.46 -14.41 8.66
C ASN A 93 12.25 -15.17 7.37
N VAL A 94 11.98 -16.47 7.49
CA VAL A 94 11.85 -17.36 6.34
C VAL A 94 10.74 -16.96 5.37
N LYS A 95 9.53 -16.69 5.87
CA LYS A 95 8.44 -16.34 4.96
C LYS A 95 8.72 -15.05 4.20
N ALA A 96 9.44 -14.12 4.84
CA ALA A 96 9.73 -12.85 4.22
C ALA A 96 10.67 -13.00 3.03
N TYR A 97 11.72 -13.80 3.20
CA TYR A 97 12.61 -14.10 2.07
C TYR A 97 11.83 -14.81 0.98
N PHE A 98 10.95 -15.73 1.37
CA PHE A 98 10.23 -16.51 0.38
C PHE A 98 9.28 -15.63 -0.46
N LYS A 99 8.47 -14.83 0.22
CA LYS A 99 7.55 -13.95 -0.50
C LYS A 99 8.32 -12.93 -1.32
N ARG A 100 9.41 -12.41 -0.77
CA ARG A 100 10.17 -11.45 -1.56
C ARG A 100 10.80 -12.11 -2.79
N GLY A 101 11.23 -13.36 -2.63
CA GLY A 101 11.74 -14.11 -3.77
C GLY A 101 10.70 -14.26 -4.87
N LYS A 102 9.49 -14.65 -4.50
CA LYS A 102 8.41 -14.77 -5.46
C LYS A 102 8.11 -13.46 -6.17
N ALA A 103 8.13 -12.36 -5.43
CA ALA A 103 7.83 -11.07 -6.02
C ALA A 103 8.95 -10.64 -6.98
N HIS A 104 10.18 -10.92 -6.60
CA HIS A 104 11.31 -10.61 -7.45
C HIS A 104 11.19 -11.38 -8.75
N ALA A 105 10.78 -12.65 -8.65
CA ALA A 105 10.69 -13.49 -9.83
C ALA A 105 9.60 -12.94 -10.74
N ALA A 106 8.46 -12.58 -10.14
CA ALA A 106 7.33 -12.12 -10.92
C ALA A 106 7.69 -10.88 -11.73
N VAL A 107 8.55 -10.03 -11.18
CA VAL A 107 8.92 -8.81 -11.88
C VAL A 107 10.28 -8.92 -12.58
N TRP A 108 10.72 -10.16 -12.79
CA TRP A 108 11.94 -10.46 -13.54
C TRP A 108 13.24 -9.92 -12.94
N ASN A 109 13.37 -9.95 -11.61
CA ASN A 109 14.67 -9.76 -10.98
C ASN A 109 15.23 -11.14 -10.61
N ALA A 110 15.70 -11.87 -11.63
CA ALA A 110 16.09 -13.27 -11.44
C ALA A 110 17.18 -13.42 -10.39
N GLN A 111 18.19 -12.56 -10.45
CA GLN A 111 19.32 -12.67 -9.54
C GLN A 111 18.84 -12.50 -8.11
N GLU A 112 18.02 -11.47 -7.90
CA GLU A 112 17.52 -11.16 -6.58
C GLU A 112 16.60 -12.27 -6.07
N ALA A 113 15.79 -12.83 -6.98
CA ALA A 113 14.93 -13.94 -6.61
C ALA A 113 15.75 -15.13 -6.13
N GLN A 114 16.79 -15.48 -6.88
CA GLN A 114 17.64 -16.61 -6.51
C GLN A 114 18.31 -16.39 -5.17
N ALA A 115 18.79 -15.16 -4.94
CA ALA A 115 19.39 -14.83 -3.67
C ALA A 115 18.43 -15.07 -2.50
N ASP A 116 17.18 -14.62 -2.62
CA ASP A 116 16.21 -14.83 -1.55
C ASP A 116 15.84 -16.30 -1.34
N PHE A 117 15.62 -17.04 -2.44
CA PHE A 117 15.31 -18.46 -2.33
C PHE A 117 16.49 -19.23 -1.71
N ALA A 118 17.70 -18.86 -2.10
CA ALA A 118 18.89 -19.43 -1.46
C ALA A 118 18.84 -19.23 0.06
N LYS A 119 18.49 -18.03 0.49
CA LYS A 119 18.43 -17.75 1.91
C LYS A 119 17.38 -18.61 2.59
N VAL A 120 16.25 -18.82 1.90
CA VAL A 120 15.19 -19.62 2.49
C VAL A 120 15.75 -21.02 2.82
N LEU A 121 16.53 -21.57 1.90
CA LEU A 121 17.05 -22.94 2.02
C LEU A 121 18.10 -23.04 3.11
N GLU A 122 18.94 -22.02 3.22
CA GLU A 122 19.89 -21.93 4.30
C GLU A 122 19.23 -21.94 5.68
N LEU A 123 18.05 -21.33 5.78
CA LEU A 123 17.36 -21.23 7.07
C LEU A 123 16.40 -22.40 7.30
N ASP A 124 15.89 -22.98 6.22
CA ASP A 124 14.96 -24.10 6.36
C ASP A 124 15.05 -25.07 5.19
N PRO A 125 16.05 -25.97 5.22
CA PRO A 125 16.29 -26.94 4.14
C PRO A 125 15.07 -27.82 3.86
N ALA A 126 14.21 -27.99 4.85
CA ALA A 126 12.98 -28.76 4.67
C ALA A 126 12.09 -28.18 3.56
N LEU A 127 12.43 -26.99 3.08
CA LEU A 127 11.62 -26.31 2.05
C LEU A 127 12.14 -26.57 0.64
N ALA A 128 13.11 -27.47 0.51
CA ALA A 128 13.74 -27.73 -0.78
C ALA A 128 12.77 -28.03 -1.94
N PRO A 129 11.74 -28.86 -1.71
CA PRO A 129 10.81 -29.17 -2.80
C PRO A 129 10.05 -27.93 -3.31
N VAL A 130 9.44 -27.15 -2.42
CA VAL A 130 8.73 -25.96 -2.89
C VAL A 130 9.71 -24.94 -3.48
N VAL A 131 10.85 -24.73 -2.84
CA VAL A 131 11.81 -23.77 -3.38
C VAL A 131 12.31 -24.24 -4.75
N SER A 132 12.52 -25.54 -4.89
CA SER A 132 13.02 -26.06 -6.15
CA SER A 132 13.02 -26.06 -6.15
C SER A 132 12.01 -25.82 -7.28
N ARG A 133 10.73 -25.96 -6.96
CA ARG A 133 9.71 -25.66 -7.96
C ARG A 133 9.78 -24.20 -8.41
N GLU A 134 9.91 -23.29 -7.46
CA GLU A 134 9.97 -21.86 -7.77
C GLU A 134 11.20 -21.59 -8.62
N LEU A 135 12.32 -22.21 -8.25
CA LEU A 135 13.59 -22.01 -8.96
C LEU A 135 13.55 -22.66 -10.34
N GLN A 136 12.94 -23.84 -10.44
CA GLN A 136 12.79 -24.50 -11.73
C GLN A 136 12.08 -23.55 -12.70
N ALA A 137 10.91 -23.08 -12.30
CA ALA A 137 10.16 -22.08 -13.07
C ALA A 137 11.05 -20.92 -13.47
N LEU A 138 11.65 -20.27 -12.49
CA LEU A 138 12.54 -19.17 -12.74
C LEU A 138 13.61 -19.53 -13.79
N GLU A 139 14.24 -20.69 -13.60
CA GLU A 139 15.37 -21.10 -14.44
C GLU A 139 14.94 -21.27 -15.90
N ALA A 140 13.77 -21.87 -16.09
CA ALA A 140 13.16 -21.98 -17.41
C ALA A 140 13.04 -20.62 -18.10
N ARG A 141 12.61 -19.60 -17.37
CA ARG A 141 12.44 -18.25 -17.92
C ARG A 141 13.78 -17.58 -18.20
N ILE A 142 14.81 -17.94 -17.44
CA ILE A 142 16.16 -17.43 -17.66
C ILE A 142 16.73 -18.05 -18.94
N ARG A 143 16.34 -19.29 -19.19
CA ARG A 143 16.70 -19.97 -20.43
C ARG A 143 16.05 -19.27 -21.63
N GLN A 144 15.11 -18.36 -21.33
CA GLN A 144 14.36 -17.63 -22.33
C GLN A 144 13.24 -18.47 -22.91
N ALA B 1 22.20 7.21 -7.26
CA ALA B 1 21.66 6.78 -5.97
C ALA B 1 20.82 7.90 -5.34
N GLU B 2 21.10 9.12 -5.76
CA GLU B 2 20.27 10.28 -5.43
C GLU B 2 20.33 11.24 -6.59
N GLU B 3 21.20 10.92 -7.53
CA GLU B 3 21.26 11.64 -8.79
C GLU B 3 20.02 11.31 -9.61
N LYS B 4 19.46 10.12 -9.37
CA LYS B 4 18.24 9.71 -10.06
C LYS B 4 16.95 10.23 -9.40
N ALA B 5 17.02 11.43 -8.86
CA ALA B 5 15.83 12.24 -8.66
C ALA B 5 15.42 12.66 -10.06
N LYS B 6 16.33 12.48 -11.01
CA LYS B 6 16.08 12.78 -12.40
C LYS B 6 15.12 11.75 -12.99
N ALA B 7 15.10 10.56 -12.39
CA ALA B 7 14.21 9.50 -12.84
C ALA B 7 12.73 9.83 -12.58
N VAL B 8 12.46 10.46 -11.44
CA VAL B 8 11.09 10.68 -10.99
C VAL B 8 10.15 11.29 -12.04
N PRO B 9 10.55 12.38 -12.70
CA PRO B 9 9.62 12.92 -13.69
C PRO B 9 9.34 11.97 -14.85
N LEU B 10 10.31 11.14 -15.20
CA LEU B 10 10.12 10.17 -16.28
C LEU B 10 9.24 9.01 -15.85
N ILE B 11 9.40 8.56 -14.61
CA ILE B 11 8.54 7.52 -14.07
C ILE B 11 7.13 8.09 -14.02
N HIS B 12 7.03 9.33 -13.56
CA HIS B 12 5.76 10.05 -13.48
C HIS B 12 5.06 10.09 -14.85
N GLN B 13 5.79 10.49 -15.89
CA GLN B 13 5.17 10.62 -17.20
C GLN B 13 4.75 9.25 -17.73
N GLU B 14 5.52 8.23 -17.40
CA GLU B 14 5.18 6.90 -17.88
C GLU B 14 3.89 6.42 -17.20
N GLY B 15 3.78 6.67 -15.90
CA GLY B 15 2.57 6.36 -15.16
C GLY B 15 1.34 7.03 -15.77
N ASN B 16 1.44 8.31 -16.07
CA ASN B 16 0.31 9.04 -16.65
C ASN B 16 -0.09 8.45 -17.97
N ARG B 17 0.89 8.01 -18.75
CA ARG B 17 0.62 7.46 -20.07
C ARG B 17 -0.07 6.11 -19.94
N LEU B 18 0.38 5.30 -18.98
CA LEU B 18 -0.24 4.00 -18.74
C LEU B 18 -1.67 4.19 -18.30
N TYR B 19 -1.86 5.11 -17.37
CA TYR B 19 -3.19 5.43 -16.86
C TYR B 19 -4.14 5.77 -18.02
N ARG B 20 -3.73 6.73 -18.85
CA ARG B 20 -4.57 7.18 -19.96
C ARG B 20 -4.92 6.09 -20.96
N GLU B 21 -4.01 5.13 -21.16
CA GLU B 21 -4.22 3.99 -22.06
C GLU B 21 -5.13 2.92 -21.44
N GLY B 22 -5.48 3.10 -20.17
CA GLY B 22 -6.27 2.09 -19.49
C GLY B 22 -5.47 1.04 -18.74
N HIS B 23 -4.15 1.20 -18.69
CA HIS B 23 -3.30 0.24 -17.98
C HIS B 23 -3.12 0.67 -16.53
N VAL B 24 -4.20 0.62 -15.77
CA VAL B 24 -4.26 1.29 -14.47
C VAL B 24 -3.44 0.61 -13.37
N LYS B 25 -3.39 -0.72 -13.40
CA LYS B 25 -2.62 -1.44 -12.39
C LYS B 25 -1.13 -1.15 -12.57
N GLU B 26 -0.72 -1.08 -13.82
CA GLU B 26 0.67 -0.78 -14.16
C GLU B 26 1.02 0.67 -13.85
N ALA B 27 0.08 1.59 -14.09
CA ALA B 27 0.28 2.97 -13.70
C ALA B 27 0.51 3.07 -12.18
N ALA B 28 -0.25 2.30 -11.41
CA ALA B 28 -0.17 2.38 -9.96
C ALA B 28 1.26 2.03 -9.53
N ALA B 29 1.78 0.96 -10.11
CA ALA B 29 3.15 0.53 -9.84
C ALA B 29 4.16 1.63 -10.16
N LYS B 30 3.99 2.33 -11.29
CA LYS B 30 4.87 3.45 -11.62
C LYS B 30 4.80 4.57 -10.57
N TYR B 31 3.58 5.01 -10.26
CA TYR B 31 3.42 6.05 -9.26
C TYR B 31 4.03 5.64 -7.94
N TYR B 32 3.80 4.39 -7.54
CA TYR B 32 4.34 3.88 -6.29
C TYR B 32 5.86 4.04 -6.24
N ASP B 33 6.51 3.69 -7.35
CA ASP B 33 7.97 3.76 -7.44
C ASP B 33 8.50 5.18 -7.38
N ALA B 34 7.80 6.08 -8.07
CA ALA B 34 8.19 7.49 -8.07
C ALA B 34 8.08 8.07 -6.65
N ILE B 35 6.96 7.75 -5.97
CA ILE B 35 6.78 8.18 -4.59
C ILE B 35 7.89 7.63 -3.69
N ALA B 36 8.24 6.37 -3.88
CA ALA B 36 9.30 5.75 -3.09
C ALA B 36 10.64 6.47 -3.24
N CYS B 37 10.96 6.89 -4.46
CA CYS B 37 12.18 7.65 -4.71
C CYS B 37 12.14 8.98 -3.97
N LEU B 38 11.02 9.69 -4.09
CA LEU B 38 10.88 10.98 -3.42
C LEU B 38 10.96 10.84 -1.91
N LYS B 39 10.38 9.76 -1.38
CA LYS B 39 10.40 9.52 0.05
C LYS B 39 11.81 9.18 0.54
N ASN B 40 12.53 8.39 -0.24
CA ASN B 40 13.91 8.07 0.10
C ASN B 40 14.72 9.35 0.24
N LEU B 41 14.55 10.26 -0.71
CA LEU B 41 15.24 11.56 -0.66
C LEU B 41 14.79 12.40 0.54
N GLN B 42 13.51 12.32 0.85
CA GLN B 42 12.94 13.15 1.90
C GLN B 42 13.44 12.71 3.28
N MET B 43 13.75 11.42 3.40
CA MET B 43 14.21 10.85 4.65
C MET B 43 15.57 11.45 5.05
N LYS B 44 16.29 12.00 4.08
CA LYS B 44 17.59 12.60 4.33
C LYS B 44 17.51 14.10 4.64
N GLU B 45 16.30 14.63 4.66
CA GLU B 45 16.11 16.05 4.94
C GLU B 45 15.50 16.19 6.33
N GLN B 46 15.71 17.34 6.96
CA GLN B 46 15.10 17.59 8.25
C GLN B 46 13.64 17.96 8.03
N PRO B 47 12.74 17.26 8.73
CA PRO B 47 11.30 17.54 8.60
C PRO B 47 11.03 19.01 8.87
N GLY B 48 10.27 19.64 7.99
CA GLY B 48 9.91 21.05 8.16
C GLY B 48 10.86 22.00 7.47
N SER B 49 11.96 21.48 6.94
CA SER B 49 12.90 22.29 6.18
C SER B 49 12.36 22.52 4.76
N PRO B 50 12.83 23.60 4.10
CA PRO B 50 12.41 23.94 2.74
C PRO B 50 12.52 22.77 1.77
N GLU B 51 13.62 22.03 1.83
CA GLU B 51 13.80 20.90 0.93
C GLU B 51 12.81 19.77 1.25
N TRP B 52 12.65 19.47 2.54
CA TRP B 52 11.66 18.47 2.97
C TRP B 52 10.27 18.85 2.43
N ILE B 53 9.93 20.13 2.53
CA ILE B 53 8.59 20.58 2.15
C ILE B 53 8.43 20.52 0.63
N GLN B 54 9.45 20.93 -0.11
CA GLN B 54 9.40 20.85 -1.56
C GLN B 54 9.19 19.41 -2.02
N LEU B 55 9.89 18.48 -1.38
CA LEU B 55 9.74 17.08 -1.72
C LEU B 55 8.32 16.62 -1.37
N ASP B 56 7.81 17.09 -0.24
CA ASP B 56 6.50 16.67 0.21
C ASP B 56 5.48 17.14 -0.83
N GLN B 57 5.71 18.32 -1.39
CA GLN B 57 4.77 18.88 -2.35
C GLN B 57 4.89 18.20 -3.71
N GLN B 58 6.05 17.64 -4.00
CA GLN B 58 6.22 16.82 -5.20
C GLN B 58 5.49 15.47 -5.06
N ILE B 59 5.46 14.95 -3.84
CA ILE B 59 4.83 13.67 -3.57
C ILE B 59 3.31 13.75 -3.77
N THR B 60 2.71 14.85 -3.33
CA THR B 60 1.24 14.98 -3.32
C THR B 60 0.52 14.57 -4.62
N PRO B 61 0.89 15.17 -5.76
CA PRO B 61 0.22 14.85 -7.02
C PRO B 61 0.43 13.39 -7.42
N LEU B 62 1.62 12.84 -7.14
CA LEU B 62 1.87 11.42 -7.42
C LEU B 62 1.02 10.51 -6.54
N LEU B 63 0.91 10.86 -5.28
CA LEU B 63 0.12 10.06 -4.35
C LEU B 63 -1.36 10.18 -4.71
N LEU B 64 -1.79 11.36 -5.17
CA LEU B 64 -3.17 11.45 -5.65
C LEU B 64 -3.40 10.60 -6.91
N ASN B 65 -2.44 10.61 -7.85
CA ASN B 65 -2.56 9.72 -9.01
C ASN B 65 -2.66 8.24 -8.59
N TYR B 66 -1.86 7.85 -7.60
CA TYR B 66 -1.88 6.49 -7.10
C TYR B 66 -3.26 6.16 -6.52
N CYS B 67 -3.78 7.06 -5.70
CA CYS B 67 -5.13 6.89 -5.15
C CYS B 67 -6.19 6.75 -6.23
N GLN B 68 -6.06 7.51 -7.31
CA GLN B 68 -7.01 7.43 -8.40
C GLN B 68 -6.96 6.04 -9.05
N CYS B 69 -5.77 5.47 -9.16
CA CYS B 69 -5.63 4.10 -9.63
C CYS B 69 -6.35 3.13 -8.68
N LYS B 70 -6.19 3.34 -7.39
CA LYS B 70 -6.80 2.44 -6.41
C LYS B 70 -8.33 2.55 -6.41
N LEU B 71 -8.84 3.76 -6.66
CA LEU B 71 -10.29 3.91 -6.85
C LEU B 71 -10.78 3.06 -8.03
N VAL B 72 -10.08 3.14 -9.16
CA VAL B 72 -10.52 2.39 -10.32
C VAL B 72 -10.56 0.87 -10.08
N VAL B 73 -9.54 0.33 -9.42
CA VAL B 73 -9.49 -1.10 -9.13
C VAL B 73 -10.20 -1.44 -7.82
N GLU B 74 -10.95 -0.47 -7.29
CA GLU B 74 -11.88 -0.71 -6.18
C GLU B 74 -11.21 -1.18 -4.88
N GLU B 75 -10.05 -0.59 -4.56
CA GLU B 75 -9.36 -0.85 -3.30
C GLU B 75 -9.38 0.46 -2.49
N TYR B 76 -10.19 0.51 -1.44
CA TYR B 76 -10.50 1.79 -0.80
C TYR B 76 -9.72 2.12 0.46
N TYR B 77 -9.12 1.12 1.11
CA TYR B 77 -8.46 1.37 2.39
C TYR B 77 -7.22 2.25 2.28
N GLU B 78 -6.45 2.13 1.20
CA GLU B 78 -5.28 3.00 1.05
C GLU B 78 -5.71 4.39 0.62
N VAL B 79 -6.73 4.47 -0.24
CA VAL B 79 -7.27 5.77 -0.62
C VAL B 79 -7.62 6.58 0.64
N LEU B 80 -8.38 5.97 1.55
CA LEU B 80 -8.77 6.67 2.77
C LEU B 80 -7.56 7.15 3.57
N ASP B 81 -6.58 6.28 3.68
CA ASP B 81 -5.39 6.53 4.43
C ASP B 81 -4.52 7.62 3.85
N HIS B 82 -4.18 7.49 2.60
CA HIS B 82 -3.31 8.45 1.93
C HIS B 82 -3.97 9.82 1.81
N CYS B 83 -5.23 9.85 1.40
CA CYS B 83 -5.94 11.12 1.31
C CYS B 83 -6.02 11.82 2.68
N SER B 84 -6.30 11.06 3.73
CA SER B 84 -6.30 11.64 5.07
C SER B 84 -4.96 12.22 5.48
N SER B 85 -3.88 11.53 5.12
N SER B 85 -3.88 11.54 5.12
CA SER B 85 -2.53 12.00 5.40
CA SER B 85 -2.55 12.03 5.43
C SER B 85 -2.27 13.33 4.69
C SER B 85 -2.28 13.35 4.69
N ILE B 86 -2.60 13.38 3.40
CA ILE B 86 -2.44 14.60 2.61
C ILE B 86 -3.26 15.72 3.25
N LEU B 87 -4.49 15.39 3.62
CA LEU B 87 -5.41 16.44 4.06
C LEU B 87 -5.05 16.98 5.44
N ASN B 88 -4.37 16.16 6.24
N ASN B 88 -4.36 16.17 6.23
CA ASN B 88 -3.90 16.58 7.56
CA ASN B 88 -3.90 16.59 7.55
C ASN B 88 -2.81 17.66 7.49
C ASN B 88 -2.80 17.65 7.49
N LYS B 89 -2.13 17.72 6.35
CA LYS B 89 -1.09 18.72 6.11
C LYS B 89 -1.56 19.84 5.19
N TYR B 90 -2.38 19.50 4.20
CA TYR B 90 -2.78 20.44 3.17
C TYR B 90 -4.29 20.41 3.06
N ASP B 91 -4.94 21.18 3.92
CA ASP B 91 -6.38 21.04 4.12
C ASP B 91 -7.20 21.80 3.09
N ASP B 92 -6.55 22.20 2.00
CA ASP B 92 -7.22 22.88 0.91
C ASP B 92 -7.05 22.08 -0.38
N ASN B 93 -6.71 20.80 -0.27
CA ASN B 93 -6.45 20.04 -1.47
C ASN B 93 -7.75 19.44 -2.00
N VAL B 94 -8.26 20.01 -3.08
CA VAL B 94 -9.59 19.65 -3.57
C VAL B 94 -9.67 18.19 -4.04
N LYS B 95 -8.67 17.74 -4.79
CA LYS B 95 -8.70 16.37 -5.28
C LYS B 95 -8.65 15.34 -4.15
N ALA B 96 -7.93 15.67 -3.07
CA ALA B 96 -7.85 14.76 -1.93
C ALA B 96 -9.20 14.59 -1.24
N TYR B 97 -9.90 15.70 -1.04
CA TYR B 97 -11.26 15.60 -0.47
C TYR B 97 -12.16 14.78 -1.40
N PHE B 98 -12.09 15.06 -2.69
CA PHE B 98 -12.98 14.38 -3.64
C PHE B 98 -12.73 12.88 -3.66
N LYS B 99 -11.46 12.47 -3.73
CA LYS B 99 -11.14 11.04 -3.79
C LYS B 99 -11.49 10.37 -2.47
N ARG B 100 -11.24 11.06 -1.35
CA ARG B 100 -11.61 10.49 -0.06
C ARG B 100 -13.12 10.34 0.03
N GLY B 101 -13.84 11.32 -0.50
CA GLY B 101 -15.29 11.27 -0.55
C GLY B 101 -15.78 10.05 -1.32
N LYS B 102 -15.26 9.89 -2.53
CA LYS B 102 -15.54 8.70 -3.33
C LYS B 102 -15.27 7.39 -2.59
N ALA B 103 -14.16 7.31 -1.86
CA ALA B 103 -13.85 6.08 -1.13
C ALA B 103 -14.81 5.84 0.03
N HIS B 104 -15.10 6.90 0.80
CA HIS B 104 -16.08 6.79 1.87
C HIS B 104 -17.44 6.31 1.33
N ALA B 105 -17.84 6.85 0.20
CA ALA B 105 -19.10 6.44 -0.43
C ALA B 105 -19.03 4.99 -0.89
N ALA B 106 -17.90 4.61 -1.47
CA ALA B 106 -17.73 3.25 -1.95
C ALA B 106 -17.88 2.21 -0.85
N VAL B 107 -17.52 2.56 0.39
CA VAL B 107 -17.60 1.60 1.50
C VAL B 107 -18.74 1.92 2.48
N TRP B 108 -19.74 2.66 2.00
CA TRP B 108 -20.93 3.00 2.80
C TRP B 108 -20.72 3.90 4.03
N ASN B 109 -19.74 4.79 3.98
CA ASN B 109 -19.65 5.84 4.99
C ASN B 109 -20.32 7.11 4.45
N ALA B 110 -21.65 7.12 4.47
CA ALA B 110 -22.41 8.19 3.83
C ALA B 110 -22.12 9.57 4.42
N GLN B 111 -22.02 9.62 5.75
CA GLN B 111 -21.83 10.90 6.42
C GLN B 111 -20.48 11.50 6.09
N GLU B 112 -19.43 10.69 6.16
CA GLU B 112 -18.08 11.17 5.85
C GLU B 112 -17.96 11.54 4.37
N ALA B 113 -18.61 10.77 3.51
CA ALA B 113 -18.59 11.09 2.09
C ALA B 113 -19.23 12.45 1.85
N GLN B 114 -20.42 12.64 2.41
CA GLN B 114 -21.10 13.93 2.30
C GLN B 114 -20.22 15.07 2.83
N ALA B 115 -19.58 14.84 3.98
CA ALA B 115 -18.67 15.82 4.55
C ALA B 115 -17.54 16.22 3.60
N ASP B 116 -16.92 15.23 2.96
CA ASP B 116 -15.84 15.54 2.02
C ASP B 116 -16.36 16.22 0.75
N PHE B 117 -17.49 15.77 0.20
CA PHE B 117 -18.05 16.46 -0.97
C PHE B 117 -18.44 17.91 -0.64
N ALA B 118 -18.99 18.13 0.55
CA ALA B 118 -19.27 19.50 0.99
C ALA B 118 -17.99 20.35 0.92
N LYS B 119 -16.87 19.80 1.38
CA LYS B 119 -15.63 20.56 1.38
C LYS B 119 -15.16 20.83 -0.04
N VAL B 120 -15.36 19.86 -0.94
CA VAL B 120 -14.95 20.07 -2.33
C VAL B 120 -15.71 21.29 -2.86
N LEU B 121 -16.99 21.37 -2.51
CA LEU B 121 -17.82 22.48 -2.98
C LEU B 121 -17.36 23.80 -2.36
N GLU B 122 -17.11 23.79 -1.07
CA GLU B 122 -16.64 25.00 -0.41
C GLU B 122 -15.37 25.56 -1.06
N LEU B 123 -14.53 24.68 -1.62
CA LEU B 123 -13.25 25.13 -2.16
C LEU B 123 -13.29 25.39 -3.65
N ASP B 124 -14.09 24.63 -4.39
CA ASP B 124 -14.22 24.81 -5.83
C ASP B 124 -15.68 24.68 -6.29
N PRO B 125 -16.45 25.76 -6.13
CA PRO B 125 -17.87 25.80 -6.50
C PRO B 125 -18.18 25.34 -7.93
N ALA B 126 -17.23 25.46 -8.86
CA ALA B 126 -17.47 25.01 -10.23
C ALA B 126 -17.59 23.49 -10.38
N LEU B 127 -17.40 22.75 -9.30
CA LEU B 127 -17.47 21.29 -9.36
C LEU B 127 -18.87 20.82 -8.98
N ALA B 128 -19.78 21.77 -8.81
CA ALA B 128 -21.14 21.46 -8.37
C ALA B 128 -21.82 20.31 -9.13
N PRO B 129 -21.73 20.33 -10.47
CA PRO B 129 -22.39 19.25 -11.20
C PRO B 129 -21.82 17.86 -10.87
N VAL B 130 -20.50 17.75 -10.75
CA VAL B 130 -19.91 16.47 -10.37
C VAL B 130 -20.33 16.11 -8.94
N VAL B 131 -20.23 17.08 -8.03
CA VAL B 131 -20.59 16.79 -6.65
C VAL B 131 -22.06 16.38 -6.53
N SER B 132 -22.94 17.10 -7.23
CA SER B 132 -24.36 16.78 -7.23
C SER B 132 -24.56 15.34 -7.68
N ARG B 133 -23.88 14.96 -8.75
CA ARG B 133 -24.00 13.58 -9.21
C ARG B 133 -23.64 12.62 -8.08
N GLU B 134 -22.47 12.82 -7.46
CA GLU B 134 -22.04 11.94 -6.38
C GLU B 134 -23.03 11.95 -5.24
N LEU B 135 -23.55 13.13 -4.91
CA LEU B 135 -24.51 13.26 -3.81
C LEU B 135 -25.82 12.59 -4.16
N GLN B 136 -26.25 12.76 -5.41
CA GLN B 136 -27.42 12.08 -5.94
C GLN B 136 -27.31 10.56 -5.74
N ALA B 137 -26.28 9.96 -6.34
CA ALA B 137 -26.01 8.54 -6.19
C ALA B 137 -26.03 8.10 -4.73
N LEU B 138 -25.36 8.86 -3.88
CA LEU B 138 -25.30 8.54 -2.46
C LEU B 138 -26.70 8.48 -1.86
N GLU B 139 -27.51 9.50 -2.15
CA GLU B 139 -28.85 9.58 -1.60
C GLU B 139 -29.72 8.40 -2.02
N ALA B 140 -29.47 7.89 -3.22
CA ALA B 140 -30.27 6.79 -3.76
C ALA B 140 -29.97 5.45 -3.08
N ARG B 141 -28.72 5.25 -2.68
CA ARG B 141 -28.30 4.00 -2.04
C ARG B 141 -28.82 3.90 -0.61
N ILE B 142 -29.81 4.73 -0.28
CA ILE B 142 -30.46 4.70 1.03
C ILE B 142 -30.97 3.30 1.38
N ARG B 143 -31.55 2.63 0.38
CA ARG B 143 -32.22 1.35 0.59
C ARG B 143 -31.44 0.18 0.00
N GLN B 144 -31.90 -0.32 -1.15
CA GLN B 144 -31.26 -1.44 -1.84
C GLN B 144 -31.32 -2.73 -1.02
N SER C 1 4.28 -22.76 8.77
CA SER C 1 4.21 -24.02 8.02
C SER C 1 4.33 -23.79 6.52
N ARG C 2 3.23 -23.97 5.78
CA ARG C 2 3.27 -23.77 4.34
C ARG C 2 3.43 -22.29 3.99
N MET C 3 4.14 -22.04 2.90
CA MET C 3 4.43 -20.69 2.45
C MET C 3 3.18 -19.94 2.02
N GLU C 4 2.17 -20.66 1.54
CA GLU C 4 0.94 -19.99 1.08
C GLU C 4 -0.07 -19.77 2.22
N GLU C 5 0.22 -20.32 3.39
CA GLU C 5 -0.70 -20.16 4.52
C GLU C 5 -0.48 -18.88 5.32
N VAL C 6 -1.58 -18.30 5.81
CA VAL C 6 -1.47 -17.09 6.61
C VAL C 6 -1.14 -17.43 8.06
N ASP C 7 -0.32 -16.57 8.66
CA ASP C 7 0.34 -16.81 9.96
C ASP C 7 1.55 -17.73 9.84
N SER D 1 -7.51 17.43 -15.79
CA SER D 1 -8.23 18.54 -15.20
C SER D 1 -9.44 18.09 -14.37
N ARG D 2 -10.23 17.18 -14.93
CA ARG D 2 -11.38 16.64 -14.22
C ARG D 2 -10.93 15.89 -12.97
N MET D 3 -11.89 15.56 -12.12
CA MET D 3 -11.60 14.82 -10.90
C MET D 3 -11.03 13.42 -11.17
N GLU D 4 -11.33 12.83 -12.32
CA GLU D 4 -10.86 11.48 -12.61
C GLU D 4 -9.55 11.44 -13.41
N GLU D 5 -9.04 12.60 -13.79
CA GLU D 5 -7.81 12.67 -14.54
C GLU D 5 -6.59 12.73 -13.62
N VAL D 6 -5.50 12.13 -14.05
CA VAL D 6 -4.25 12.17 -13.29
C VAL D 6 -3.45 13.42 -13.65
N ASP D 7 -2.70 13.93 -12.67
CA ASP D 7 -1.95 15.18 -12.82
C ASP D 7 -0.47 14.95 -13.04
#